data_9MQF
#
_entry.id   9MQF
#
_cell.length_a   67.259
_cell.length_b   67.259
_cell.length_c   207.283
_cell.angle_alpha   90.00
_cell.angle_beta   90.00
_cell.angle_gamma   90.00
#
_symmetry.space_group_name_H-M   'P 41 2 2'
#
loop_
_entity.id
_entity.type
_entity.pdbx_description
1 polymer 'Acyl-[acyl-carrier-protein] hydrolase'
2 water water
#
_entity_poly.entity_id   1
_entity_poly.type   'polypeptide(L)'
_entity_poly.pdbx_seq_one_letter_code
;MVPPDKRSFREEHRIRGYEVSPDQRATIVTVANLLQEVAGNHAVGMWGRTDEGFASLPSMKDLLFVMTRLQVRMYEYPKW
GDVVAVETYFTEEGRLAFRREWKLMDVATGKLLGAGTSTWVTINTATRRLSKLPEDVRKRFLRFAPPSSVHILPPEETKK
KLQDMELPGQVQSAQQVARRADMDMNGHINNVTYLAWTLESLPERVMSGGYKMQEIELDFKAECTAGNAIEAHCNPLDDH
SASFVGPAPANGNGNGHAAEPAADSAPLYFLSMLQKCDENGCTELVRARTTWSRTLEGAKPAPPPLSELSAAQGTGENLY
FQGSGGGGSDYKDDDDKGTGRSRLEHHHHHH
;
_entity_poly.pdbx_strand_id   A
#
# COMPACT_ATOMS: atom_id res chain seq x y z
N PRO A 4 14.51 -22.93 -2.45
CA PRO A 4 15.54 -21.91 -2.68
C PRO A 4 15.10 -21.01 -3.84
N ASP A 5 13.99 -21.36 -4.49
CA ASP A 5 13.43 -20.52 -5.57
C ASP A 5 11.95 -20.37 -5.28
N LYS A 6 11.47 -21.10 -4.28
CA LYS A 6 10.05 -20.98 -3.86
C LYS A 6 10.02 -19.99 -2.70
N ARG A 7 11.07 -19.20 -2.57
CA ARG A 7 11.05 -18.17 -1.53
C ARG A 7 10.37 -16.88 -1.99
N SER A 8 9.85 -16.85 -3.21
CA SER A 8 9.04 -15.74 -3.71
C SER A 8 7.83 -16.31 -4.43
N PHE A 9 6.84 -15.47 -4.66
CA PHE A 9 5.56 -15.89 -5.23
C PHE A 9 5.19 -14.93 -6.36
N ARG A 10 4.89 -15.47 -7.52
CA ARG A 10 4.65 -14.70 -8.73
C ARG A 10 3.27 -15.01 -9.30
N GLU A 11 2.57 -13.97 -9.74
CA GLU A 11 1.25 -14.11 -10.37
C GLU A 11 1.17 -13.15 -11.54
N GLU A 12 0.41 -13.56 -12.56
CA GLU A 12 0.19 -12.75 -13.75
C GLU A 12 -1.26 -12.31 -13.82
N HIS A 13 -1.47 -11.04 -14.17
CA HIS A 13 -2.80 -10.46 -14.31
C HIS A 13 -2.83 -9.54 -15.52
N ARG A 14 -3.99 -9.47 -16.15
CA ARG A 14 -4.23 -8.55 -17.26
C ARG A 14 -4.98 -7.33 -16.73
N ILE A 15 -4.42 -6.14 -16.96
CA ILE A 15 -5.06 -4.91 -16.52
C ILE A 15 -6.40 -4.77 -17.22
N ARG A 16 -7.45 -4.61 -16.43
CA ARG A 16 -8.81 -4.63 -16.95
C ARG A 16 -9.27 -3.22 -17.34
N GLY A 17 -10.37 -3.16 -18.07
CA GLY A 17 -10.85 -1.89 -18.59
C GLY A 17 -11.32 -0.94 -17.49
N TYR A 18 -12.01 -1.47 -16.48
CA TYR A 18 -12.50 -0.65 -15.39
C TYR A 18 -11.43 -0.34 -14.35
N GLU A 19 -10.19 -0.78 -14.58
CA GLU A 19 -9.10 -0.58 -13.64
C GLU A 19 -8.16 0.57 -14.03
N VAL A 20 -8.50 1.32 -15.07
CA VAL A 20 -7.61 2.34 -15.61
C VAL A 20 -8.27 3.71 -15.56
N SER A 21 -7.43 4.73 -15.58
CA SER A 21 -7.84 6.12 -15.69
C SER A 21 -8.06 6.49 -17.15
N PRO A 22 -8.61 7.69 -17.42
CA PRO A 22 -8.84 8.07 -18.83
C PRO A 22 -7.64 7.94 -19.75
N ASP A 23 -6.41 8.10 -19.25
CA ASP A 23 -5.24 7.86 -20.08
C ASP A 23 -4.92 6.36 -20.23
N GLN A 24 -5.86 5.50 -19.84
CA GLN A 24 -5.79 4.05 -20.02
C GLN A 24 -4.64 3.42 -19.24
N ARG A 25 -4.10 4.11 -18.24
CA ARG A 25 -3.08 3.56 -17.37
C ARG A 25 -3.71 3.09 -16.07
N ALA A 26 -3.21 1.98 -15.54
CA ALA A 26 -3.74 1.44 -14.30
C ALA A 26 -3.59 2.46 -13.18
N THR A 27 -4.62 2.56 -12.34
CA THR A 27 -4.55 3.46 -11.20
C THR A 27 -3.70 2.85 -10.10
N ILE A 28 -3.27 3.70 -9.17
CA ILE A 28 -2.51 3.20 -8.03
C ILE A 28 -3.37 2.32 -7.15
N VAL A 29 -4.70 2.54 -7.15
CA VAL A 29 -5.61 1.64 -6.47
C VAL A 29 -5.55 0.26 -7.08
N THR A 30 -5.54 0.19 -8.42
CA THR A 30 -5.44 -1.10 -9.10
C THR A 30 -4.12 -1.79 -8.79
N VAL A 31 -3.02 -1.04 -8.78
CA VAL A 31 -1.72 -1.62 -8.43
C VAL A 31 -1.76 -2.17 -7.01
N ALA A 32 -2.25 -1.35 -6.07
CA ALA A 32 -2.32 -1.79 -4.68
C ALA A 32 -3.22 -3.01 -4.53
N ASN A 33 -4.33 -3.05 -5.29
CA ASN A 33 -5.19 -4.23 -5.28
C ASN A 33 -4.43 -5.47 -5.72
N LEU A 34 -3.61 -5.35 -6.76
CA LEU A 34 -2.83 -6.48 -7.22
C LEU A 34 -1.78 -6.90 -6.20
N LEU A 35 -1.19 -5.92 -5.50
CA LEU A 35 -0.20 -6.25 -4.47
C LEU A 35 -0.84 -7.03 -3.33
N GLN A 36 -2.05 -6.65 -2.92
CA GLN A 36 -2.72 -7.32 -1.81
C GLN A 36 -3.23 -8.70 -2.22
N GLU A 37 -3.59 -8.86 -3.50
CA GLU A 37 -4.10 -10.16 -3.96
C GLU A 37 -2.99 -11.19 -4.04
N VAL A 38 -1.82 -10.80 -4.56
CA VAL A 38 -0.71 -11.72 -4.68
C VAL A 38 -0.14 -12.05 -3.30
N ALA A 39 -0.09 -11.07 -2.40
CA ALA A 39 0.36 -11.33 -1.04
C ALA A 39 -0.56 -12.30 -0.34
N GLY A 40 -1.88 -12.11 -0.48
CA GLY A 40 -2.81 -13.06 0.11
C GLY A 40 -2.74 -14.44 -0.51
N ASN A 41 -2.45 -14.52 -1.81
CA ASN A 41 -2.28 -15.81 -2.44
C ASN A 41 -0.95 -16.45 -2.05
N HIS A 42 0.05 -15.64 -1.69
CA HIS A 42 1.28 -16.19 -1.12
C HIS A 42 0.98 -16.88 0.20
N ALA A 43 0.13 -16.28 1.03
CA ALA A 43 -0.25 -16.92 2.30
C ALA A 43 -1.05 -18.20 2.05
N VAL A 44 -1.92 -18.18 1.04
CA VAL A 44 -2.67 -19.39 0.68
C VAL A 44 -1.72 -20.49 0.23
N GLY A 45 -0.71 -20.14 -0.56
CA GLY A 45 0.28 -21.13 -0.96
C GLY A 45 1.09 -21.65 0.19
N MET A 46 1.25 -20.85 1.25
CA MET A 46 2.05 -21.26 2.40
C MET A 46 1.22 -22.03 3.43
N TRP A 47 0.12 -21.45 3.91
CA TRP A 47 -0.65 -22.05 4.98
C TRP A 47 -2.03 -22.54 4.55
N GLY A 48 -2.38 -22.41 3.27
CA GLY A 48 -3.66 -22.90 2.79
C GLY A 48 -4.78 -21.89 2.90
N ARG A 49 -5.94 -22.32 2.43
CA ARG A 49 -7.15 -21.49 2.41
C ARG A 49 -8.00 -21.88 3.60
N THR A 50 -7.96 -21.08 4.66
CA THR A 50 -8.61 -21.43 5.91
C THR A 50 -10.03 -20.90 5.96
N ASP A 51 -10.74 -21.24 7.04
CA ASP A 51 -12.16 -20.93 7.18
C ASP A 51 -12.44 -19.44 7.32
N GLU A 52 -11.41 -18.60 7.50
CA GLU A 52 -11.60 -17.16 7.55
C GLU A 52 -10.87 -16.41 6.45
N GLY A 53 -9.82 -17.04 5.90
CA GLY A 53 -9.01 -16.38 4.85
C GLY A 53 -7.66 -15.83 5.29
N PHE A 54 -7.64 -15.09 6.41
CA PHE A 54 -6.38 -14.46 6.88
C PHE A 54 -5.44 -15.61 7.22
N ALA A 55 -4.18 -15.52 6.80
CA ALA A 55 -3.18 -16.56 7.10
C ALA A 55 -4.13 -17.68 7.53
N SER A 56 -3.83 -18.36 8.65
CA SER A 56 -4.66 -19.53 9.07
C SER A 56 -4.83 -19.64 10.58
N LEU A 57 -4.20 -18.74 11.34
CA LEU A 57 -4.21 -18.85 12.81
C LEU A 57 -3.64 -20.20 13.29
N PRO A 58 -2.54 -20.77 12.73
CA PRO A 58 -1.93 -21.97 13.28
C PRO A 58 -0.95 -21.41 14.31
N SER A 59 -1.19 -21.63 15.61
CA SER A 59 -0.37 -20.97 16.62
C SER A 59 -0.51 -19.45 16.54
N MET A 60 -1.47 -18.97 15.75
CA MET A 60 -1.86 -17.57 15.72
C MET A 60 -3.35 -17.41 15.99
N LYS A 61 -3.91 -18.30 16.82
CA LYS A 61 -5.35 -18.35 17.02
C LYS A 61 -5.91 -17.02 17.51
N ASP A 62 -5.10 -16.24 18.23
CA ASP A 62 -5.49 -14.92 18.69
C ASP A 62 -4.50 -13.85 18.23
N LEU A 63 -3.89 -14.06 17.06
CA LEU A 63 -2.91 -13.14 16.51
C LEU A 63 -3.33 -12.72 15.11
N LEU A 64 -2.88 -11.52 14.72
CA LEU A 64 -3.28 -10.91 13.47
C LEU A 64 -2.11 -10.14 12.88
N PHE A 65 -1.88 -10.32 11.57
CA PHE A 65 -0.87 -9.57 10.84
C PHE A 65 -1.46 -8.25 10.40
N VAL A 66 -0.82 -7.15 10.79
CA VAL A 66 -1.29 -5.80 10.47
C VAL A 66 -0.15 -5.06 9.79
N MET A 67 -0.42 -4.52 8.61
CA MET A 67 0.55 -3.71 7.89
C MET A 67 0.49 -2.27 8.41
N THR A 68 1.59 -1.79 8.97
CA THR A 68 1.65 -0.44 9.51
C THR A 68 2.26 0.58 8.55
N ARG A 69 3.03 0.13 7.56
CA ARG A 69 3.65 1.01 6.59
C ARG A 69 3.64 0.33 5.23
N LEU A 70 3.21 1.07 4.21
CA LEU A 70 3.27 0.63 2.83
C LEU A 70 3.94 1.72 2.00
N GLN A 71 4.92 1.33 1.19
CA GLN A 71 5.62 2.27 0.32
C GLN A 71 5.69 1.67 -1.08
N VAL A 72 5.12 2.37 -2.06
CA VAL A 72 5.10 1.93 -3.45
C VAL A 72 5.75 3.01 -4.30
N ARG A 73 6.73 2.62 -5.10
CA ARG A 73 7.38 3.50 -6.07
C ARG A 73 7.09 2.98 -7.47
N MET A 74 6.61 3.87 -8.34
CA MET A 74 6.19 3.51 -9.68
C MET A 74 7.18 4.05 -10.71
N TYR A 75 7.64 3.18 -11.59
CA TYR A 75 8.55 3.56 -12.67
C TYR A 75 7.85 3.71 -14.01
N GLU A 76 6.77 2.96 -14.23
CA GLU A 76 5.94 3.10 -15.42
C GLU A 76 4.63 2.38 -15.22
N TYR A 77 3.52 3.12 -15.27
CA TYR A 77 2.21 2.51 -15.05
C TYR A 77 1.84 1.63 -16.23
N PRO A 78 1.40 0.39 -16.00
CA PRO A 78 0.92 -0.44 -17.09
C PRO A 78 -0.41 0.09 -17.64
N LYS A 79 -0.73 -0.34 -18.84
CA LYS A 79 -1.90 0.15 -19.56
C LYS A 79 -2.95 -0.94 -19.69
N TRP A 80 -4.15 -0.52 -20.07
CA TRP A 80 -5.27 -1.43 -20.23
C TRP A 80 -4.96 -2.47 -21.30
N GLY A 81 -5.08 -3.74 -20.94
CA GLY A 81 -4.75 -4.85 -21.81
C GLY A 81 -3.38 -5.46 -21.56
N ASP A 82 -2.52 -4.78 -20.80
CA ASP A 82 -1.20 -5.31 -20.53
C ASP A 82 -1.26 -6.47 -19.55
N VAL A 83 -0.47 -7.51 -19.82
CA VAL A 83 -0.29 -8.62 -18.90
C VAL A 83 0.90 -8.29 -18.01
N VAL A 84 0.65 -8.10 -16.72
CA VAL A 84 1.69 -7.77 -15.77
C VAL A 84 1.90 -8.95 -14.82
N ALA A 85 3.08 -8.99 -14.23
CA ALA A 85 3.44 -10.00 -13.25
C ALA A 85 3.75 -9.31 -11.94
N VAL A 86 3.20 -9.83 -10.85
CA VAL A 86 3.48 -9.33 -9.50
C VAL A 86 4.22 -10.42 -8.75
N GLU A 87 5.44 -10.12 -8.33
CA GLU A 87 6.26 -11.05 -7.56
C GLU A 87 6.44 -10.50 -6.16
N THR A 88 6.18 -11.33 -5.16
CA THR A 88 6.19 -10.91 -3.76
C THR A 88 7.02 -11.86 -2.92
N TYR A 89 7.56 -11.32 -1.83
CA TYR A 89 8.32 -12.07 -0.85
C TYR A 89 8.34 -11.27 0.44
N PHE A 90 8.74 -11.94 1.53
CA PHE A 90 8.83 -11.29 2.83
C PHE A 90 10.09 -11.75 3.53
N THR A 91 10.65 -10.89 4.38
CA THR A 91 11.86 -11.18 5.13
C THR A 91 11.67 -10.78 6.59
N GLU A 92 12.64 -11.18 7.41
CA GLU A 92 12.65 -10.77 8.82
C GLU A 92 12.94 -9.28 8.92
N GLU A 93 12.27 -8.62 9.87
CA GLU A 93 12.46 -7.18 10.09
C GLU A 93 12.50 -6.97 11.61
N GLY A 94 13.71 -7.04 12.16
CA GLY A 94 13.83 -7.02 13.61
C GLY A 94 13.33 -8.33 14.20
N ARG A 95 12.70 -8.21 15.38
CA ARG A 95 12.24 -9.41 16.09
C ARG A 95 10.72 -9.35 16.25
N LEU A 96 10.12 -8.25 15.81
CA LEU A 96 8.68 -8.12 15.87
C LEU A 96 8.02 -8.00 14.51
N ALA A 97 8.68 -7.39 13.53
CA ALA A 97 8.07 -7.06 12.26
C ALA A 97 8.59 -7.93 11.13
N PHE A 98 7.82 -7.96 10.04
CA PHE A 98 8.22 -8.59 8.80
C PHE A 98 8.14 -7.57 7.68
N ARG A 99 9.03 -7.71 6.70
CA ARG A 99 9.11 -6.79 5.57
C ARG A 99 8.70 -7.53 4.31
N ARG A 100 7.51 -7.21 3.79
CA ARG A 100 7.04 -7.77 2.53
C ARG A 100 7.28 -6.78 1.40
N GLU A 101 7.78 -7.28 0.28
CA GLU A 101 8.10 -6.44 -0.87
C GLU A 101 7.45 -7.01 -2.12
N TRP A 102 7.29 -6.15 -3.13
CA TRP A 102 6.63 -6.52 -4.38
C TRP A 102 7.44 -6.02 -5.56
N LYS A 103 7.40 -6.79 -6.64
CA LYS A 103 7.96 -6.39 -7.93
C LYS A 103 6.84 -6.43 -8.96
N LEU A 104 6.50 -5.26 -9.51
CA LEU A 104 5.52 -5.13 -10.58
C LEU A 104 6.25 -5.13 -11.91
N MET A 105 5.98 -6.14 -12.74
CA MET A 105 6.77 -6.38 -13.94
C MET A 105 5.86 -6.53 -15.15
N ASP A 106 6.36 -6.09 -16.30
CA ASP A 106 5.68 -6.28 -17.58
C ASP A 106 6.11 -7.62 -18.15
N VAL A 107 5.13 -8.48 -18.44
CA VAL A 107 5.45 -9.84 -18.89
C VAL A 107 6.07 -9.80 -20.29
N ALA A 108 5.61 -8.89 -21.15
CA ALA A 108 6.08 -8.86 -22.53
C ALA A 108 7.55 -8.48 -22.61
N THR A 109 7.96 -7.43 -21.89
CA THR A 109 9.32 -6.93 -21.95
C THR A 109 10.18 -7.43 -20.80
N GLY A 110 9.59 -8.00 -19.75
CA GLY A 110 10.33 -8.39 -18.58
C GLY A 110 10.82 -7.25 -17.71
N LYS A 111 10.55 -6.01 -18.10
CA LYS A 111 11.05 -4.85 -17.38
C LYS A 111 10.30 -4.66 -16.06
N LEU A 112 10.89 -3.86 -15.19
CA LEU A 112 10.33 -3.58 -13.86
C LEU A 112 9.51 -2.30 -13.93
N LEU A 113 8.21 -2.41 -13.66
CA LEU A 113 7.31 -1.26 -13.71
C LEU A 113 7.20 -0.52 -12.40
N GLY A 114 7.38 -1.22 -11.27
CA GLY A 114 7.23 -0.59 -9.98
C GLY A 114 7.70 -1.52 -8.89
N ALA A 115 7.90 -0.95 -7.70
CA ALA A 115 8.39 -1.69 -6.56
C ALA A 115 7.64 -1.28 -5.31
N GLY A 116 7.37 -2.24 -4.44
CA GLY A 116 6.72 -1.97 -3.17
C GLY A 116 7.47 -2.61 -2.03
N THR A 117 7.35 -1.97 -0.86
CA THR A 117 7.87 -2.52 0.39
C THR A 117 6.93 -2.13 1.51
N SER A 118 6.94 -2.92 2.58
CA SER A 118 5.97 -2.74 3.64
C SER A 118 6.52 -3.27 4.96
N THR A 119 5.84 -2.92 6.04
CA THR A 119 6.19 -3.34 7.39
C THR A 119 4.96 -3.97 8.04
N TRP A 120 5.09 -5.21 8.48
CA TRP A 120 3.98 -5.97 9.07
C TRP A 120 4.34 -6.37 10.48
N VAL A 121 3.43 -6.13 11.42
CA VAL A 121 3.60 -6.54 12.81
C VAL A 121 2.48 -7.49 13.18
N THR A 122 2.64 -8.14 14.34
CA THR A 122 1.64 -9.06 14.88
C THR A 122 1.03 -8.41 16.12
N ILE A 123 -0.26 -8.15 16.00
CA ILE A 123 -1.02 -7.60 17.15
C ILE A 123 -1.91 -8.72 17.69
N ASN A 124 -2.22 -8.65 18.97
CA ASN A 124 -3.16 -9.61 19.55
C ASN A 124 -4.58 -9.23 19.16
N THR A 125 -5.31 -10.18 18.58
CA THR A 125 -6.68 -9.88 18.07
C THR A 125 -7.55 -9.39 19.23
N ALA A 126 -7.47 -10.06 20.37
CA ALA A 126 -8.36 -9.71 21.50
C ALA A 126 -7.84 -8.56 22.37
N THR A 127 -6.83 -7.83 21.91
CA THR A 127 -6.34 -6.64 22.65
C THR A 127 -5.82 -5.55 21.72
N ARG A 128 -5.78 -5.80 20.42
CA ARG A 128 -5.22 -4.83 19.44
C ARG A 128 -3.86 -4.33 19.92
N ARG A 129 -3.25 -5.04 20.88
CA ARG A 129 -1.92 -4.67 21.41
C ARG A 129 -0.86 -5.52 20.71
N LEU A 130 0.35 -4.99 20.53
CA LEU A 130 1.43 -5.74 19.89
C LEU A 130 1.74 -7.00 20.68
N SER A 131 2.17 -8.02 19.96
CA SER A 131 2.47 -9.31 20.57
C SER A 131 3.59 -9.98 19.79
N LYS A 132 4.69 -10.27 20.46
CA LYS A 132 5.82 -10.96 19.83
C LYS A 132 5.42 -12.39 19.50
N LEU A 133 5.56 -12.76 18.23
CA LEU A 133 5.37 -14.15 17.86
C LEU A 133 6.38 -15.02 18.59
N PRO A 134 5.98 -16.21 19.04
CA PRO A 134 6.96 -17.10 19.68
C PRO A 134 8.07 -17.46 18.71
N GLU A 135 9.31 -17.52 19.24
CA GLU A 135 10.45 -17.83 18.38
C GLU A 135 10.29 -19.19 17.71
N ASP A 136 9.54 -20.10 18.33
CA ASP A 136 9.18 -21.34 17.66
C ASP A 136 8.40 -21.05 16.38
N VAL A 137 7.49 -20.08 16.43
CA VAL A 137 6.63 -19.80 15.28
C VAL A 137 7.38 -18.99 14.23
N ARG A 138 8.14 -17.98 14.65
CA ARG A 138 8.82 -17.11 13.69
C ARG A 138 9.82 -17.89 12.84
N LYS A 139 10.51 -18.87 13.44
CA LYS A 139 11.46 -19.69 12.71
C LYS A 139 10.77 -20.43 11.56
N ARG A 140 9.49 -20.74 11.71
CA ARG A 140 8.75 -21.45 10.67
C ARG A 140 8.38 -20.52 9.52
N PHE A 141 7.86 -19.34 9.83
CA PHE A 141 7.56 -18.38 8.75
C PHE A 141 8.82 -18.15 7.91
N LEU A 142 9.97 -17.91 8.55
CA LEU A 142 11.17 -17.53 7.83
C LEU A 142 11.71 -18.65 6.95
N ARG A 143 11.14 -19.86 7.03
CA ARG A 143 11.50 -20.90 6.07
C ARG A 143 11.14 -20.48 4.65
N PHE A 144 10.07 -19.70 4.49
CA PHE A 144 9.65 -19.18 3.19
C PHE A 144 10.30 -17.84 2.87
N ALA A 145 11.20 -17.35 3.72
CA ALA A 145 11.75 -16.02 3.53
C ALA A 145 13.13 -16.08 2.89
N PRO A 146 13.43 -15.16 1.98
CA PRO A 146 14.80 -14.96 1.54
C PRO A 146 15.59 -14.24 2.63
N PRO A 147 16.92 -14.14 2.48
CA PRO A 147 17.71 -13.41 3.50
C PRO A 147 17.27 -11.96 3.60
N SER A 148 17.43 -11.40 4.80
CA SER A 148 17.04 -10.02 5.05
C SER A 148 17.90 -9.02 4.29
N SER A 149 18.97 -9.47 3.63
CA SER A 149 19.77 -8.59 2.79
C SER A 149 19.08 -8.21 1.49
N VAL A 150 17.99 -8.87 1.14
CA VAL A 150 17.29 -8.63 -0.12
C VAL A 150 16.48 -7.34 0.02
N HIS A 151 16.69 -6.40 -0.90
CA HIS A 151 15.97 -5.14 -0.92
C HIS A 151 15.61 -4.80 -2.36
N ILE A 152 14.33 -4.51 -2.60
CA ILE A 152 13.91 -4.03 -3.91
C ILE A 152 14.05 -2.51 -4.02
N LEU A 153 13.96 -1.80 -2.90
CA LEU A 153 14.20 -0.38 -2.82
C LEU A 153 15.35 -0.11 -1.86
N PRO A 154 16.10 0.97 -2.07
CA PRO A 154 17.19 1.31 -1.15
C PRO A 154 16.67 1.50 0.25
N PRO A 155 17.24 0.79 1.24
CA PRO A 155 16.74 0.92 2.62
C PRO A 155 16.82 2.33 3.14
N GLU A 156 17.84 3.10 2.73
CA GLU A 156 17.97 4.48 3.17
C GLU A 156 16.81 5.34 2.71
N GLU A 157 16.07 4.91 1.70
CA GLU A 157 14.93 5.64 1.17
C GLU A 157 13.60 5.08 1.65
N THR A 158 13.61 4.14 2.57
CA THR A 158 12.41 3.55 3.14
C THR A 158 12.30 3.91 4.62
N LYS A 159 11.11 3.70 5.17
CA LYS A 159 10.85 3.86 6.60
C LYS A 159 11.19 5.27 7.08
N LYS A 160 10.82 6.27 6.28
CA LYS A 160 11.01 7.66 6.65
C LYS A 160 9.78 8.18 7.38
N LYS A 161 10.00 8.92 8.46
CA LYS A 161 8.90 9.46 9.24
C LYS A 161 8.14 10.49 8.43
N LEU A 162 6.82 10.37 8.41
CA LEU A 162 5.99 11.32 7.69
C LEU A 162 5.87 12.62 8.47
N GLN A 163 5.74 13.73 7.75
CA GLN A 163 5.54 15.01 8.39
C GLN A 163 4.22 15.01 9.17
N ASP A 164 4.12 16.01 10.05
CA ASP A 164 2.90 16.15 10.88
C ASP A 164 1.81 16.81 10.04
N MET A 165 0.55 16.46 10.32
CA MET A 165 -0.58 16.91 9.52
C MET A 165 -1.20 18.15 10.14
N GLU A 166 -1.15 19.27 9.42
CA GLU A 166 -1.81 20.48 9.87
C GLU A 166 -3.29 20.41 9.56
N LEU A 167 -4.13 20.64 10.56
CA LEU A 167 -5.56 20.48 10.40
C LEU A 167 -6.30 21.79 10.68
N PRO A 168 -7.38 22.08 9.95
CA PRO A 168 -7.97 21.29 8.87
C PRO A 168 -7.11 21.33 7.60
N GLY A 169 -7.17 20.30 6.76
CA GLY A 169 -6.41 20.31 5.54
C GLY A 169 -6.86 21.39 4.58
N GLN A 170 -5.95 21.79 3.70
CA GLN A 170 -6.28 22.81 2.71
C GLN A 170 -7.35 22.32 1.74
N VAL A 171 -7.27 21.06 1.35
CA VAL A 171 -8.32 20.42 0.56
C VAL A 171 -9.04 19.44 1.48
N GLN A 172 -10.35 19.31 1.27
CA GLN A 172 -11.19 18.44 2.11
C GLN A 172 -12.18 17.72 1.22
N SER A 173 -12.01 16.43 1.05
CA SER A 173 -13.02 15.63 0.37
C SER A 173 -14.26 15.52 1.24
N ALA A 174 -15.42 15.38 0.59
CA ALA A 174 -16.68 15.34 1.31
C ALA A 174 -16.75 14.12 2.23
N GLN A 175 -17.64 14.21 3.22
CA GLN A 175 -17.81 13.14 4.19
C GLN A 175 -18.07 11.90 3.35
N GLN A 176 -17.22 10.89 3.46
CA GLN A 176 -17.49 9.62 2.82
C GLN A 176 -18.17 8.81 3.92
N VAL A 177 -18.98 7.85 3.49
CA VAL A 177 -19.71 6.99 4.40
C VAL A 177 -19.23 5.56 4.19
N ALA A 178 -18.77 4.93 5.26
CA ALA A 178 -18.39 3.53 5.19
C ALA A 178 -19.63 2.68 4.92
N ARG A 179 -19.51 1.73 4.00
CA ARG A 179 -20.59 0.84 3.64
C ARG A 179 -20.23 -0.58 4.06
N ARG A 180 -21.26 -1.43 4.15
CA ARG A 180 -21.00 -2.84 4.46
C ARG A 180 -20.32 -3.56 3.31
N ALA A 181 -20.36 -2.97 2.12
CA ALA A 181 -19.65 -3.57 0.97
C ALA A 181 -18.15 -3.37 1.17
N ASP A 182 -17.74 -2.21 1.70
CA ASP A 182 -16.30 -1.90 1.79
C ASP A 182 -15.83 -2.68 3.02
N MET A 183 -15.99 -4.00 3.02
CA MET A 183 -15.45 -4.79 4.17
C MET A 183 -14.91 -6.02 3.45
N ASP A 184 -13.72 -6.48 3.83
CA ASP A 184 -13.22 -7.72 3.24
C ASP A 184 -13.90 -8.91 3.91
N MET A 185 -13.45 -10.12 3.56
CA MET A 185 -14.08 -11.32 4.11
C MET A 185 -13.80 -11.52 5.60
N ASN A 186 -12.85 -10.78 6.18
CA ASN A 186 -12.54 -10.88 7.59
C ASN A 186 -13.32 -9.88 8.44
N GLY A 187 -14.19 -9.07 7.83
CA GLY A 187 -14.91 -8.04 8.53
C GLY A 187 -14.17 -6.71 8.61
N HIS A 188 -12.84 -6.74 8.57
CA HIS A 188 -12.06 -5.52 8.55
C HIS A 188 -12.25 -4.78 7.24
N ILE A 189 -12.13 -3.45 7.30
CA ILE A 189 -12.19 -2.68 6.03
C ILE A 189 -10.88 -2.96 5.30
N ASN A 190 -10.91 -2.87 3.96
CA ASN A 190 -9.74 -3.22 3.11
C ASN A 190 -8.69 -2.11 3.13
N ASN A 191 -7.44 -2.52 3.18
CA ASN A 191 -6.35 -1.55 3.15
C ASN A 191 -6.41 -0.68 1.91
N VAL A 192 -6.72 -1.27 0.76
CA VAL A 192 -6.81 -0.50 -0.49
C VAL A 192 -7.95 0.51 -0.41
N THR A 193 -8.98 0.22 0.37
CA THR A 193 -10.08 1.17 0.52
C THR A 193 -9.62 2.45 1.22
N TYR A 194 -8.81 2.30 2.28
CA TYR A 194 -8.21 3.47 2.90
C TYR A 194 -7.38 4.27 1.89
N LEU A 195 -6.62 3.56 1.06
CA LEU A 195 -5.83 4.22 0.02
C LEU A 195 -6.72 4.98 -0.96
N ALA A 196 -7.86 4.39 -1.33
CA ALA A 196 -8.75 5.03 -2.29
C ALA A 196 -9.36 6.31 -1.70
N TRP A 197 -9.85 6.23 -0.47
CA TRP A 197 -10.41 7.41 0.19
C TRP A 197 -9.36 8.50 0.36
N THR A 198 -8.12 8.11 0.66
CA THR A 198 -7.07 9.08 0.94
C THR A 198 -6.77 9.96 -0.28
N LEU A 199 -6.89 9.40 -1.48
CA LEU A 199 -6.52 10.11 -2.70
C LEU A 199 -7.65 10.96 -3.28
N GLU A 200 -8.84 10.92 -2.68
CA GLU A 200 -9.90 11.84 -3.06
C GLU A 200 -9.66 13.24 -2.53
N SER A 201 -8.87 13.38 -1.47
CA SER A 201 -8.54 14.68 -0.91
C SER A 201 -7.55 15.46 -1.76
N LEU A 202 -6.98 14.84 -2.79
CA LEU A 202 -5.98 15.51 -3.60
C LEU A 202 -6.60 16.62 -4.44
N PRO A 203 -5.85 17.69 -4.71
CA PRO A 203 -6.36 18.75 -5.59
C PRO A 203 -6.68 18.21 -6.98
N GLU A 204 -7.80 18.67 -7.53
CA GLU A 204 -8.22 18.20 -8.85
C GLU A 204 -7.24 18.60 -9.94
N ARG A 205 -6.50 19.69 -9.73
CA ARG A 205 -5.55 20.16 -10.73
C ARG A 205 -4.27 19.35 -10.77
N VAL A 206 -4.09 18.38 -9.85
CA VAL A 206 -2.92 17.53 -9.89
C VAL A 206 -3.06 16.48 -10.99
N MET A 207 -4.16 15.74 -10.98
CA MET A 207 -4.39 14.76 -12.05
C MET A 207 -4.65 15.45 -13.37
N SER A 208 -5.33 16.60 -13.34
CA SER A 208 -5.65 17.32 -14.57
C SER A 208 -4.40 17.87 -15.24
N GLY A 209 -3.37 18.19 -14.44
CA GLY A 209 -2.12 18.69 -14.99
C GLY A 209 -1.21 17.66 -15.60
N GLY A 210 -1.66 16.40 -15.68
CA GLY A 210 -0.85 15.35 -16.24
C GLY A 210 0.14 14.72 -15.28
N TYR A 211 0.01 14.97 -13.99
CA TYR A 211 0.94 14.42 -13.01
C TYR A 211 0.55 13.00 -12.64
N LYS A 212 1.53 12.10 -12.65
CA LYS A 212 1.34 10.70 -12.28
C LYS A 212 2.00 10.44 -10.94
N MET A 213 1.36 9.61 -10.12
CA MET A 213 1.88 9.33 -8.79
C MET A 213 3.16 8.51 -8.90
N GLN A 214 4.27 9.10 -8.45
CA GLN A 214 5.58 8.47 -8.55
C GLN A 214 5.91 7.61 -7.33
N GLU A 215 5.49 8.04 -6.15
CA GLU A 215 5.75 7.29 -4.93
C GLU A 215 4.70 7.66 -3.89
N ILE A 216 4.34 6.67 -3.06
CA ILE A 216 3.39 6.87 -1.97
C ILE A 216 3.94 6.18 -0.73
N GLU A 217 3.78 6.83 0.42
CA GLU A 217 4.19 6.30 1.72
C GLU A 217 2.99 6.40 2.65
N LEU A 218 2.45 5.26 3.08
CA LEU A 218 1.24 5.22 3.89
C LEU A 218 1.56 4.69 5.28
N ASP A 219 1.04 5.38 6.30
CA ASP A 219 1.03 4.89 7.67
C ASP A 219 -0.39 4.45 8.00
N PHE A 220 -0.55 3.20 8.41
CA PHE A 220 -1.84 2.67 8.84
C PHE A 220 -1.88 2.69 10.35
N LYS A 221 -2.77 3.50 10.91
CA LYS A 221 -2.78 3.81 12.33
C LYS A 221 -4.00 3.26 13.06
N ALA A 222 -5.19 3.38 12.49
CA ALA A 222 -6.40 2.90 13.15
C ALA A 222 -7.36 2.35 12.11
N GLU A 223 -8.44 1.74 12.59
CA GLU A 223 -9.40 1.06 11.74
C GLU A 223 -10.80 1.57 12.02
N CYS A 224 -11.58 1.72 10.95
CA CYS A 224 -13.01 2.02 11.03
C CYS A 224 -13.80 0.77 10.69
N THR A 225 -15.11 0.83 10.90
CA THR A 225 -16.00 -0.31 10.64
C THR A 225 -17.35 0.20 10.15
N ALA A 226 -18.21 -0.75 9.78
CA ALA A 226 -19.62 -0.54 9.54
C ALA A 226 -19.88 0.71 8.70
N GLY A 227 -20.57 1.68 9.29
CA GLY A 227 -20.94 2.89 8.56
C GLY A 227 -20.42 4.18 9.16
N ASN A 228 -19.15 4.18 9.56
CA ASN A 228 -18.56 5.37 10.15
C ASN A 228 -18.45 6.50 9.14
N ALA A 229 -18.48 7.72 9.64
CA ALA A 229 -18.22 8.90 8.81
C ALA A 229 -16.73 9.08 8.66
N ILE A 230 -16.27 9.33 7.43
CA ILE A 230 -14.86 9.33 7.10
C ILE A 230 -14.53 10.62 6.35
N GLU A 231 -13.52 11.34 6.83
CA GLU A 231 -13.12 12.62 6.28
C GLU A 231 -11.68 12.54 5.81
N ALA A 232 -11.40 13.18 4.67
CA ALA A 232 -10.07 13.20 4.08
C ALA A 232 -9.58 14.63 3.97
N HIS A 233 -8.38 14.88 4.48
CA HIS A 233 -7.73 16.18 4.41
C HIS A 233 -6.42 16.04 3.65
N CYS A 234 -6.01 17.12 2.98
CA CYS A 234 -4.76 17.12 2.22
C CYS A 234 -4.06 18.45 2.36
N ASN A 235 -2.74 18.40 2.50
CA ASN A 235 -1.91 19.58 2.60
C ASN A 235 -0.75 19.48 1.62
N PRO A 236 -0.36 20.59 1.00
CA PRO A 236 0.90 20.61 0.25
C PRO A 236 2.08 20.57 1.20
N LEU A 237 3.23 20.16 0.67
CA LEU A 237 4.44 20.05 1.47
C LEU A 237 5.52 21.06 1.08
N ASP A 238 5.47 21.62 -0.12
CA ASP A 238 6.32 22.74 -0.49
C ASP A 238 5.49 23.74 -1.30
N ASP A 239 6.11 24.86 -1.64
CA ASP A 239 5.37 25.96 -2.24
C ASP A 239 4.91 25.63 -3.66
N HIS A 240 5.76 24.96 -4.44
CA HIS A 240 5.37 24.62 -5.81
C HIS A 240 4.19 23.67 -5.84
N SER A 241 4.06 22.80 -4.84
CA SER A 241 2.88 21.95 -4.75
C SER A 241 1.67 22.74 -4.26
N ALA A 242 1.89 23.76 -3.43
CA ALA A 242 0.80 24.60 -2.98
C ALA A 242 0.17 25.41 -4.11
N SER A 243 0.86 25.52 -5.25
CA SER A 243 0.31 26.23 -6.39
C SER A 243 -0.93 25.52 -6.95
N PHE A 244 -1.02 24.20 -6.77
CA PHE A 244 -2.08 23.41 -7.36
C PHE A 244 -3.33 23.33 -6.48
N VAL A 245 -3.34 23.99 -5.33
CA VAL A 245 -4.52 24.01 -4.46
C VAL A 245 -5.49 25.05 -5.02
N GLY A 246 -6.64 24.58 -5.50
CA GLY A 246 -7.62 25.46 -6.10
C GLY A 246 -7.15 26.00 -7.44
N PRO A 247 -7.95 26.87 -8.06
CA PRO A 247 -7.55 27.46 -9.33
C PRO A 247 -6.36 28.40 -9.17
N ALA A 248 -5.72 28.71 -10.31
CA ALA A 248 -4.53 29.54 -10.41
C ALA A 248 -4.90 31.00 -10.67
N PRO A 249 -4.09 31.95 -10.18
CA PRO A 249 -4.36 33.38 -10.41
C PRO A 249 -4.01 33.83 -11.83
N ASP A 264 10.97 18.30 -17.55
CA ASP A 264 11.82 19.24 -16.83
C ASP A 264 11.04 19.98 -15.75
N SER A 265 9.91 19.44 -15.36
CA SER A 265 9.08 20.03 -14.31
C SER A 265 9.45 19.44 -12.96
N ALA A 266 9.23 20.23 -11.92
CA ALA A 266 9.54 19.79 -10.56
C ALA A 266 8.50 18.81 -10.07
N PRO A 267 8.85 17.95 -9.10
CA PRO A 267 7.86 17.03 -8.54
C PRO A 267 7.02 17.68 -7.45
N LEU A 268 5.78 17.20 -7.33
CA LEU A 268 4.85 17.67 -6.32
C LEU A 268 4.87 16.75 -5.12
N TYR A 269 4.63 17.32 -3.93
CA TYR A 269 4.58 16.58 -2.69
C TYR A 269 3.33 16.98 -1.92
N PHE A 270 2.58 15.98 -1.46
CA PHE A 270 1.36 16.21 -0.71
C PHE A 270 1.29 15.27 0.48
N LEU A 271 0.63 15.72 1.54
CA LEU A 271 0.41 14.93 2.75
C LEU A 271 -1.09 14.83 2.98
N SER A 272 -1.63 13.62 2.84
CA SER A 272 -3.06 13.38 3.01
C SER A 272 -3.30 12.58 4.28
N MET A 273 -4.48 12.76 4.86
CA MET A 273 -4.83 12.09 6.11
C MET A 273 -6.30 11.71 6.10
N LEU A 274 -6.59 10.51 6.59
CA LEU A 274 -7.95 9.99 6.68
C LEU A 274 -8.31 9.77 8.14
N GLN A 275 -9.51 10.21 8.53
CA GLN A 275 -9.94 10.08 9.91
C GLN A 275 -11.43 9.79 9.96
N LYS A 276 -11.84 9.10 11.03
CA LYS A 276 -13.24 8.84 11.31
C LYS A 276 -13.73 9.81 12.38
N CYS A 277 -14.96 10.29 12.22
CA CYS A 277 -15.49 11.34 13.07
C CYS A 277 -16.85 10.95 13.62
N ASP A 278 -17.10 11.33 14.87
CA ASP A 278 -18.42 11.19 15.48
C ASP A 278 -18.69 12.47 16.27
N GLU A 279 -19.65 12.40 17.19
CA GLU A 279 -20.00 13.54 18.04
C GLU A 279 -19.11 13.65 19.28
N ASN A 280 -18.05 12.85 19.35
CA ASN A 280 -17.10 12.90 20.46
C ASN A 280 -15.75 13.46 20.04
N GLY A 281 -15.09 12.82 19.08
CA GLY A 281 -13.82 13.28 18.59
C GLY A 281 -13.41 12.50 17.36
N CYS A 282 -12.41 13.04 16.66
CA CYS A 282 -11.89 12.40 15.46
C CYS A 282 -10.72 11.50 15.79
N THR A 283 -10.57 10.43 15.00
CA THR A 283 -9.50 9.46 15.18
C THR A 283 -8.84 9.23 13.83
N GLU A 284 -7.53 9.47 13.77
CA GLU A 284 -6.80 9.35 12.52
C GLU A 284 -6.69 7.88 12.10
N LEU A 285 -6.98 7.60 10.83
CA LEU A 285 -6.91 6.25 10.28
C LEU A 285 -5.63 6.02 9.50
N VAL A 286 -5.37 6.86 8.50
CA VAL A 286 -4.23 6.69 7.59
C VAL A 286 -3.63 8.06 7.32
N ARG A 287 -2.30 8.10 7.20
CA ARG A 287 -1.60 9.27 6.71
C ARG A 287 -0.72 8.87 5.52
N ALA A 288 -0.70 9.70 4.49
CA ALA A 288 0.00 9.34 3.25
C ALA A 288 0.75 10.54 2.71
N ARG A 289 2.00 10.31 2.32
CA ARG A 289 2.80 11.27 1.58
C ARG A 289 2.94 10.77 0.15
N THR A 290 2.54 11.59 -0.82
CA THR A 290 2.54 11.21 -2.22
C THR A 290 3.48 12.12 -3.00
N THR A 291 4.27 11.52 -3.89
CA THR A 291 5.18 12.23 -4.78
C THR A 291 4.63 12.17 -6.19
N TRP A 292 4.56 13.32 -6.85
CA TRP A 292 3.92 13.45 -8.15
C TRP A 292 4.91 14.00 -9.17
N SER A 293 4.95 13.39 -10.34
CA SER A 293 5.82 13.83 -11.43
C SER A 293 5.09 13.67 -12.75
N ARG A 294 5.58 14.38 -13.76
CA ARG A 294 5.02 14.30 -15.10
C ARG A 294 5.71 13.25 -15.97
N THR A 295 6.88 12.76 -15.56
CA THR A 295 7.60 11.75 -16.30
C THR A 295 8.24 10.76 -15.34
N LEU A 296 8.39 9.52 -15.81
CA LEU A 296 9.02 8.47 -15.02
C LEU A 296 9.99 7.73 -15.96
N GLU A 297 10.32 6.49 -15.61
CA GLU A 297 11.18 5.65 -16.45
C GLU A 297 11.14 4.18 -16.04
N GLY A 298 10.74 3.29 -16.95
CA GLY A 298 10.69 1.87 -16.66
C GLY A 298 12.08 1.24 -16.65
N ALA A 299 12.33 0.40 -15.65
CA ALA A 299 13.65 -0.15 -15.37
C ALA A 299 13.69 -1.67 -15.59
N LYS A 300 14.82 -2.26 -15.21
CA LYS A 300 15.21 -3.66 -15.39
C LYS A 300 15.57 -4.42 -14.11
N PRO A 301 15.00 -5.63 -13.92
CA PRO A 301 15.21 -6.36 -12.67
C PRO A 301 16.39 -7.32 -12.54
N ALA A 302 16.42 -8.09 -11.45
CA ALA A 302 17.43 -9.08 -11.13
C ALA A 302 16.78 -10.15 -10.24
N PRO A 303 17.09 -11.43 -10.46
CA PRO A 303 16.27 -12.50 -9.90
C PRO A 303 16.60 -12.80 -8.45
N PRO A 304 15.63 -13.22 -7.67
CA PRO A 304 15.86 -13.55 -6.25
C PRO A 304 16.51 -14.90 -6.03
N PRO A 305 16.55 -15.88 -6.99
CA PRO A 305 17.15 -17.19 -6.70
C PRO A 305 18.58 -17.03 -6.21
N LEU A 306 19.16 -15.84 -6.33
CA LEU A 306 20.51 -15.70 -5.71
C LEU A 306 19.92 -15.87 -4.31
N SER A 307 20.08 -17.05 -3.70
CA SER A 307 19.55 -17.28 -2.33
C SER A 307 20.18 -18.67 -2.50
#